data_8XOX
#
_entry.id   8XOX
#
_cell.length_a   37.797
_cell.length_b   59.132
_cell.length_c   67.295
_cell.angle_alpha   90.000
_cell.angle_beta   95.033
_cell.angle_gamma   90.000
#
_symmetry.space_group_name_H-M   'P 1 21 1'
#
loop_
_entity.id
_entity.type
_entity.pdbx_description
1 polymer 'Protein-tyrosine kinase 2-beta'
2 non-polymer N-methyl-N-{3-[({2-[(2-oxo-2,3-dihydro-1H-indol-5-yl)amino]-5-(trifluoromethyl)pyrimidin-4-yl}amino)methyl]pyridin-2-yl}methanesulfonamide
3 non-polymer 1,2-ETHANEDIOL
4 water water
#
_entity_poly.entity_id   1
_entity_poly.type   'polypeptide(L)'
_entity_poly.pdbx_seq_one_letter_code
;PQYGIAREDVVLNRILGEGFFGEVYEGVYTNHKGEKINVAVKTCKKDCTLDNKEKFMSEAVIMKNLDHPHIVKLIGIIEE
EPTWIIMELYPYGELGHYLERNKNSLKVLTLVLYSLQICKAMAYLESINCVHRDIAVRNILVASPECVKLGDFGLSRYIE
DEDYYKASVTRLPIKWMSPESINFRRFTTASDVWMFAVCMWEILSFGKQPFFWLENKDVIGVLEKGDRLPKPDLCPPVLY
TLMTRCWDYDPSDRPRFTELVCSLSDVYQMEKDIAME
;
_entity_poly.pdbx_strand_id   A
#
loop_
_chem_comp.id
_chem_comp.type
_chem_comp.name
_chem_comp.formula
EDO non-polymer 1,2-ETHANEDIOL 'C2 H6 O2'
YAM non-polymer N-methyl-N-{3-[({2-[(2-oxo-2,3-dihydro-1H-indol-5-yl)amino]-5-(trifluoromethyl)pyrimidin-4-yl}amino)methyl]pyridin-2-yl}methanesulfonamide 'C21 H20 F3 N7 O3 S'
#
# COMPACT_ATOMS: atom_id res chain seq x y z
N GLN A 2 3.37 -30.29 13.50
CA GLN A 2 4.07 -29.35 14.42
C GLN A 2 3.80 -27.92 13.97
N TYR A 3 2.86 -27.26 14.65
CA TYR A 3 2.36 -25.95 14.26
C TYR A 3 3.29 -24.83 14.77
N GLY A 4 3.32 -23.71 14.04
CA GLY A 4 4.20 -22.61 14.37
C GLY A 4 5.53 -22.70 13.63
N ILE A 5 6.50 -21.87 14.06
CA ILE A 5 7.79 -21.68 13.40
C ILE A 5 8.90 -21.73 14.44
N ALA A 6 9.86 -22.65 14.24
CA ALA A 6 11.06 -22.71 15.06
C ALA A 6 12.10 -21.83 14.43
N ARG A 7 12.92 -21.16 15.24
CA ARG A 7 13.93 -20.27 14.70
C ARG A 7 14.87 -21.00 13.75
N GLU A 8 15.09 -22.29 13.99
CA GLU A 8 16.07 -23.06 13.23
C GLU A 8 15.57 -23.24 11.80
N ASP A 9 14.24 -23.12 11.61
CA ASP A 9 13.62 -23.21 10.30
C ASP A 9 13.89 -21.95 9.47
N VAL A 10 14.48 -20.90 10.05
CA VAL A 10 14.67 -19.63 9.35
C VAL A 10 16.15 -19.28 9.32
N VAL A 11 16.71 -19.06 8.12
CA VAL A 11 18.10 -18.62 7.97
C VAL A 11 18.14 -17.25 7.32
N LEU A 12 18.82 -16.30 7.98
CA LEU A 12 18.90 -14.93 7.47
C LEU A 12 20.04 -14.79 6.47
N ASN A 13 19.92 -13.85 5.53
CA ASN A 13 20.93 -13.56 4.53
C ASN A 13 21.20 -12.07 4.59
N ARG A 14 21.00 -11.35 3.48
CA ARG A 14 21.37 -9.95 3.41
C ARG A 14 20.36 -9.11 4.19
N ILE A 15 20.82 -7.96 4.67
CA ILE A 15 19.93 -6.90 5.11
C ILE A 15 19.24 -6.32 3.88
N LEU A 16 17.94 -6.09 4.00
CA LEU A 16 17.13 -5.54 2.94
C LEU A 16 16.99 -4.03 3.14
N GLY A 17 17.04 -3.59 4.40
CA GLY A 17 16.86 -2.18 4.70
C GLY A 17 16.49 -1.94 6.15
N GLU A 18 16.06 -0.70 6.45
CA GLU A 18 15.73 -0.28 7.81
C GLU A 18 14.25 0.05 7.87
N GLY A 19 13.48 -0.71 8.65
CA GLY A 19 12.11 -0.32 8.92
C GLY A 19 12.03 0.57 10.16
N PHE A 20 10.79 0.92 10.51
CA PHE A 20 10.53 1.78 11.65
C PHE A 20 11.05 1.15 12.94
N PHE A 21 10.90 -0.17 13.12
CA PHE A 21 11.24 -0.78 14.40
C PHE A 21 12.65 -1.32 14.40
N GLY A 22 13.24 -1.46 13.21
CA GLY A 22 14.49 -2.19 13.11
C GLY A 22 14.76 -2.70 11.70
N GLU A 23 15.87 -3.42 11.59
CA GLU A 23 16.35 -3.97 10.34
C GLU A 23 15.38 -5.04 9.82
N VAL A 24 15.28 -5.08 8.49
CA VAL A 24 14.58 -6.14 7.79
C VAL A 24 15.61 -6.93 6.99
N TYR A 25 15.59 -8.26 7.14
CA TYR A 25 16.48 -9.17 6.43
C TYR A 25 15.74 -9.97 5.36
N GLU A 26 16.46 -10.32 4.30
CA GLU A 26 16.11 -11.38 3.38
C GLU A 26 16.51 -12.70 4.03
N GLY A 27 15.73 -13.76 3.84
CA GLY A 27 16.09 -15.08 4.33
C GLY A 27 15.30 -16.23 3.70
N VAL A 28 15.55 -17.42 4.24
CA VAL A 28 14.87 -18.61 3.77
C VAL A 28 14.24 -19.32 4.96
N TYR A 29 12.96 -19.64 4.78
CA TYR A 29 12.20 -20.40 5.75
C TYR A 29 11.92 -21.78 5.16
N THR A 30 12.25 -22.84 5.92
CA THR A 30 11.88 -24.19 5.53
C THR A 30 10.59 -24.57 6.25
N ASN A 31 9.53 -24.86 5.51
CA ASN A 31 8.22 -25.12 6.10
C ASN A 31 8.08 -26.59 6.50
N HIS A 32 6.86 -26.97 6.89
CA HIS A 32 6.56 -28.29 7.42
C HIS A 32 6.62 -29.37 6.33
N LYS A 33 6.48 -28.98 5.05
CA LYS A 33 6.62 -29.89 3.94
C LYS A 33 8.07 -29.92 3.44
N GLY A 34 8.99 -29.22 4.12
CA GLY A 34 10.38 -29.20 3.71
C GLY A 34 10.68 -28.24 2.57
N GLU A 35 9.70 -27.42 2.15
CA GLU A 35 9.89 -26.46 1.07
C GLU A 35 10.67 -25.25 1.58
N LYS A 36 11.51 -24.69 0.70
CA LYS A 36 12.28 -23.50 0.96
C LYS A 36 11.49 -22.30 0.48
N ILE A 37 11.15 -21.41 1.41
CA ILE A 37 10.34 -20.24 1.09
C ILE A 37 11.19 -18.99 1.31
N ASN A 38 11.27 -18.10 0.32
CA ASN A 38 12.02 -16.86 0.49
C ASN A 38 11.19 -15.87 1.30
N VAL A 39 11.81 -15.31 2.34
CA VAL A 39 11.10 -14.48 3.32
C VAL A 39 11.82 -13.16 3.59
N ALA A 40 11.02 -12.17 4.01
CA ALA A 40 11.44 -10.92 4.58
C ALA A 40 11.21 -11.01 6.09
N VAL A 41 12.27 -10.81 6.89
CA VAL A 41 12.22 -11.02 8.32
C VAL A 41 12.41 -9.66 9.00
N LYS A 42 11.35 -9.21 9.67
CA LYS A 42 11.32 -7.92 10.35
C LYS A 42 11.78 -8.12 11.79
N THR A 43 12.70 -7.26 12.22
CA THR A 43 13.22 -7.31 13.57
C THR A 43 12.92 -6.00 14.31
N CYS A 44 13.12 -6.04 15.63
CA CYS A 44 12.97 -4.88 16.49
C CYS A 44 14.31 -4.60 17.16
N LYS A 45 14.77 -3.35 17.14
CA LYS A 45 16.03 -3.00 17.80
C LYS A 45 16.04 -3.38 19.28
N LYS A 46 17.19 -3.91 19.72
CA LYS A 46 17.46 -4.25 21.11
C LYS A 46 17.21 -3.06 22.04
N ASP A 47 17.62 -1.87 21.62
CA ASP A 47 17.58 -0.67 22.46
C ASP A 47 16.33 0.14 22.17
N CYS A 48 15.15 -0.50 22.11
CA CYS A 48 13.97 0.28 21.79
C CYS A 48 13.07 0.32 23.01
N THR A 49 12.19 1.33 23.06
CA THR A 49 11.33 1.54 24.22
C THR A 49 10.33 0.39 24.33
N LEU A 50 9.81 0.20 25.56
CA LEU A 50 8.78 -0.79 25.83
C LEU A 50 7.59 -0.58 24.90
N ASP A 51 7.16 0.68 24.73
CA ASP A 51 5.97 0.97 23.96
C ASP A 51 6.16 0.60 22.48
N ASN A 52 7.38 0.78 21.96
CA ASN A 52 7.70 0.39 20.60
C ASN A 52 7.66 -1.13 20.42
N LYS A 53 8.19 -1.91 21.36
CA LYS A 53 8.13 -3.36 21.29
C LYS A 53 6.66 -3.80 21.27
N GLU A 54 5.84 -3.17 22.13
CA GLU A 54 4.44 -3.56 22.23
C GLU A 54 3.74 -3.34 20.88
N LYS A 55 4.13 -2.26 20.21
CA LYS A 55 3.48 -1.86 18.99
C LYS A 55 3.94 -2.76 17.82
N PHE A 56 5.22 -3.14 17.84
CA PHE A 56 5.76 -4.06 16.87
C PHE A 56 4.92 -5.34 16.88
N MET A 57 4.62 -5.84 18.07
CA MET A 57 3.94 -7.13 18.20
C MET A 57 2.45 -7.00 17.89
N SER A 58 1.89 -5.85 18.27
CA SER A 58 0.49 -5.52 18.06
C SER A 58 0.16 -5.46 16.57
N GLU A 59 1.02 -4.78 15.79
CA GLU A 59 0.84 -4.68 14.35
C GLU A 59 1.02 -6.06 13.70
N ALA A 60 1.96 -6.87 14.21
CA ALA A 60 2.20 -8.19 13.65
C ALA A 60 0.97 -9.08 13.82
N VAL A 61 0.28 -8.99 14.96
CA VAL A 61 -0.84 -9.86 15.22
C VAL A 61 -1.99 -9.47 14.30
N ILE A 62 -2.14 -8.18 14.01
CA ILE A 62 -3.12 -7.79 13.01
C ILE A 62 -2.75 -8.39 11.64
N MET A 63 -1.49 -8.22 11.21
CA MET A 63 -1.11 -8.72 9.90
C MET A 63 -1.33 -10.24 9.84
N LYS A 64 -1.13 -10.94 10.97
CA LYS A 64 -1.24 -12.40 10.97
C LYS A 64 -2.68 -12.83 10.66
N ASN A 65 -3.62 -11.99 11.07
CA ASN A 65 -5.03 -12.28 10.90
C ASN A 65 -5.56 -11.78 9.56
N LEU A 66 -4.78 -11.02 8.80
CA LEU A 66 -5.23 -10.65 7.47
C LEU A 66 -4.72 -11.70 6.49
N ASP A 67 -5.58 -12.09 5.57
CA ASP A 67 -5.20 -13.10 4.61
C ASP A 67 -5.88 -12.66 3.34
N HIS A 68 -5.30 -11.66 2.68
CA HIS A 68 -5.91 -11.08 1.50
C HIS A 68 -4.91 -11.21 0.35
N PRO A 69 -5.34 -11.54 -0.90
CA PRO A 69 -4.42 -11.69 -2.02
C PRO A 69 -3.64 -10.42 -2.33
N HIS A 70 -4.10 -9.26 -1.84
CA HIS A 70 -3.44 -7.99 -2.15
C HIS A 70 -2.98 -7.25 -0.90
N ILE A 71 -2.75 -7.99 0.19
CA ILE A 71 -2.05 -7.50 1.34
C ILE A 71 -0.85 -8.41 1.59
N VAL A 72 0.30 -7.82 1.93
CA VAL A 72 1.50 -8.59 2.20
C VAL A 72 1.18 -9.70 3.20
N LYS A 73 1.76 -10.87 2.97
CA LYS A 73 1.43 -12.06 3.73
C LYS A 73 2.44 -12.26 4.87
N LEU A 74 1.90 -12.40 6.07
CA LEU A 74 2.70 -12.80 7.22
C LEU A 74 2.65 -14.32 7.28
N ILE A 75 3.83 -14.94 7.39
CA ILE A 75 3.90 -16.38 7.45
C ILE A 75 3.91 -16.84 8.90
N GLY A 76 4.67 -16.16 9.76
CA GLY A 76 4.66 -16.54 11.15
C GLY A 76 5.44 -15.56 12.01
N ILE A 77 5.38 -15.78 13.32
CA ILE A 77 5.96 -14.89 14.31
C ILE A 77 6.80 -15.75 15.26
N ILE A 78 8.06 -15.37 15.49
CA ILE A 78 8.82 -15.93 16.60
C ILE A 78 8.83 -14.91 17.72
N GLU A 79 8.13 -15.21 18.82
CA GLU A 79 7.95 -14.24 19.90
C GLU A 79 9.20 -14.10 20.77
N GLU A 80 9.92 -15.20 21.04
CA GLU A 80 11.09 -15.15 21.92
C GLU A 80 12.12 -14.18 21.35
N GLU A 81 12.74 -13.38 22.23
CA GLU A 81 13.69 -12.38 21.77
C GLU A 81 14.90 -13.08 21.16
N PRO A 82 15.48 -12.60 20.03
CA PRO A 82 14.97 -11.45 19.28
C PRO A 82 13.74 -11.79 18.43
N THR A 83 12.68 -11.01 18.63
CA THR A 83 11.40 -11.24 18.00
C THR A 83 11.51 -10.99 16.50
N TRP A 84 11.09 -11.99 15.72
CA TRP A 84 11.16 -11.92 14.27
C TRP A 84 9.75 -12.06 13.71
N ILE A 85 9.42 -11.20 12.75
CA ILE A 85 8.17 -11.36 12.03
C ILE A 85 8.52 -11.85 10.63
N ILE A 86 8.08 -13.07 10.31
CA ILE A 86 8.43 -13.68 9.05
C ILE A 86 7.32 -13.39 8.03
N MET A 87 7.67 -12.57 7.03
CA MET A 87 6.78 -12.21 5.93
C MET A 87 7.20 -12.94 4.65
N GLU A 88 6.25 -13.04 3.70
CA GLU A 88 6.62 -13.46 2.36
C GLU A 88 7.49 -12.39 1.70
N LEU A 89 8.57 -12.81 0.99
CA LEU A 89 9.40 -11.88 0.26
C LEU A 89 8.82 -11.64 -1.13
N TYR A 90 8.65 -10.37 -1.49
CA TYR A 90 8.30 -9.96 -2.84
C TYR A 90 9.54 -9.30 -3.43
N PRO A 91 10.36 -10.07 -4.17
CA PRO A 91 11.69 -9.61 -4.57
C PRO A 91 11.70 -8.42 -5.54
N TYR A 92 10.60 -8.14 -6.24
CA TYR A 92 10.58 -6.99 -7.14
C TYR A 92 10.55 -5.66 -6.38
N GLY A 93 10.12 -5.70 -5.11
CA GLY A 93 10.24 -4.53 -4.24
C GLY A 93 9.09 -3.54 -4.48
N GLU A 94 9.42 -2.25 -4.37
CA GLU A 94 8.44 -1.17 -4.30
C GLU A 94 7.80 -0.90 -5.67
N LEU A 95 6.51 -0.57 -5.65
CA LEU A 95 5.79 -0.35 -6.90
C LEU A 95 6.30 0.91 -7.58
N GLY A 96 6.64 1.97 -6.84
CA GLY A 96 7.07 3.21 -7.45
C GLY A 96 8.32 3.02 -8.32
N HIS A 97 9.32 2.35 -7.76
CA HIS A 97 10.53 1.99 -8.49
C HIS A 97 10.25 1.07 -9.68
N TYR A 98 9.40 0.06 -9.48
CA TYR A 98 9.00 -0.83 -10.55
C TYR A 98 8.39 -0.08 -11.72
N LEU A 99 7.50 0.86 -11.43
CA LEU A 99 6.86 1.63 -12.48
C LEU A 99 7.87 2.45 -13.27
N GLU A 100 8.77 3.14 -12.57
CA GLU A 100 9.82 3.95 -13.18
C GLU A 100 10.63 3.08 -14.13
N ARG A 101 11.06 1.93 -13.63
CA ARG A 101 11.88 1.01 -14.42
C ARG A 101 11.13 0.54 -15.66
N ASN A 102 9.84 0.22 -15.56
CA ASN A 102 9.13 -0.50 -16.61
C ASN A 102 8.18 0.40 -17.38
N LYS A 103 8.32 1.72 -17.21
CA LYS A 103 7.35 2.65 -17.78
C LYS A 103 7.15 2.44 -19.28
N ASN A 104 8.20 2.07 -20.03
CA ASN A 104 8.04 1.97 -21.47
C ASN A 104 7.36 0.68 -21.90
N SER A 105 7.22 -0.32 -21.02
CA SER A 105 6.47 -1.51 -21.43
C SER A 105 5.07 -1.60 -20.81
N LEU A 106 4.75 -0.79 -19.80
CA LEU A 106 3.50 -0.98 -19.07
C LEU A 106 2.32 -0.42 -19.86
N LYS A 107 1.21 -1.17 -19.88
CA LYS A 107 -0.03 -0.71 -20.49
C LYS A 107 -0.91 -0.06 -19.43
N VAL A 108 -1.82 0.81 -19.88
CA VAL A 108 -2.70 1.52 -18.97
C VAL A 108 -3.61 0.51 -18.25
N LEU A 109 -4.00 -0.58 -18.94
CA LEU A 109 -4.85 -1.57 -18.31
CA LEU A 109 -4.79 -1.66 -18.37
C LEU A 109 -4.16 -2.15 -17.08
N THR A 110 -2.83 -2.30 -17.11
CA THR A 110 -2.09 -2.85 -15.99
C THR A 110 -2.11 -1.87 -14.82
N LEU A 111 -1.96 -0.57 -15.09
CA LEU A 111 -1.93 0.45 -14.05
C LEU A 111 -3.29 0.49 -13.36
N VAL A 112 -4.36 0.30 -14.13
CA VAL A 112 -5.68 0.25 -13.56
C VAL A 112 -5.84 -1.04 -12.76
N LEU A 113 -5.27 -2.15 -13.23
CA LEU A 113 -5.34 -3.39 -12.47
C LEU A 113 -4.74 -3.24 -11.08
N TYR A 114 -3.55 -2.68 -10.99
CA TYR A 114 -2.88 -2.45 -9.71
C TYR A 114 -3.75 -1.57 -8.80
N SER A 115 -4.36 -0.51 -9.35
CA SER A 115 -5.27 0.32 -8.58
C SER A 115 -6.41 -0.52 -8.00
N LEU A 116 -7.03 -1.32 -8.88
CA LEU A 116 -8.14 -2.16 -8.48
C LEU A 116 -7.76 -3.14 -7.37
N GLN A 117 -6.58 -3.76 -7.49
CA GLN A 117 -6.13 -4.74 -6.53
C GLN A 117 -5.98 -4.10 -5.15
N ILE A 118 -5.36 -2.90 -5.10
CA ILE A 118 -5.16 -2.18 -3.87
C ILE A 118 -6.51 -1.79 -3.31
N CYS A 119 -7.43 -1.43 -4.21
CA CYS A 119 -8.75 -1.01 -3.80
C CYS A 119 -9.48 -2.16 -3.09
N LYS A 120 -9.32 -3.38 -3.63
CA LYS A 120 -9.90 -4.58 -3.02
C LYS A 120 -9.38 -4.82 -1.60
N ALA A 121 -8.09 -4.67 -1.41
CA ALA A 121 -7.55 -4.79 -0.07
C ALA A 121 -8.14 -3.74 0.86
N MET A 122 -8.32 -2.51 0.34
CA MET A 122 -8.79 -1.44 1.20
C MET A 122 -10.27 -1.67 1.51
N ALA A 123 -11.01 -2.26 0.57
CA ALA A 123 -12.42 -2.53 0.82
C ALA A 123 -12.55 -3.50 2.00
N TYR A 124 -11.63 -4.46 2.12
CA TYR A 124 -11.66 -5.42 3.21
C TYR A 124 -11.35 -4.69 4.52
N LEU A 125 -10.29 -3.84 4.54
CA LEU A 125 -9.95 -3.08 5.73
C LEU A 125 -11.10 -2.14 6.14
N GLU A 126 -11.73 -1.53 5.16
CA GLU A 126 -12.84 -0.64 5.42
C GLU A 126 -13.98 -1.38 6.12
N SER A 127 -14.18 -2.67 5.77
CA SER A 127 -15.25 -3.46 6.37
C SER A 127 -15.05 -3.70 7.87
N ILE A 128 -13.81 -3.58 8.38
CA ILE A 128 -13.55 -3.70 9.81
C ILE A 128 -13.07 -2.37 10.40
N ASN A 129 -13.30 -1.26 9.67
CA ASN A 129 -12.96 0.07 10.15
C ASN A 129 -11.48 0.15 10.57
N CYS A 130 -10.63 -0.55 9.80
CA CYS A 130 -9.20 -0.48 9.96
CA CYS A 130 -9.20 -0.45 9.95
C CYS A 130 -8.64 0.62 9.03
N VAL A 131 -7.99 1.62 9.64
CA VAL A 131 -7.48 2.77 8.90
C VAL A 131 -6.00 2.53 8.66
N HIS A 132 -5.59 2.52 7.38
CA HIS A 132 -4.25 2.07 7.03
C HIS A 132 -3.20 3.18 7.14
N ARG A 133 -3.46 4.35 6.54
CA ARG A 133 -2.64 5.57 6.58
C ARG A 133 -1.35 5.55 5.76
N ASP A 134 -1.01 4.48 5.04
CA ASP A 134 0.19 4.53 4.22
C ASP A 134 -0.06 3.82 2.88
N ILE A 135 -1.04 4.33 2.15
CA ILE A 135 -1.43 3.84 0.84
C ILE A 135 -0.72 4.69 -0.20
N ALA A 136 0.45 4.24 -0.63
CA ALA A 136 1.36 5.02 -1.46
C ALA A 136 2.28 4.02 -2.16
N VAL A 137 2.82 4.39 -3.33
CA VAL A 137 3.53 3.41 -4.16
C VAL A 137 4.83 2.97 -3.51
N ARG A 138 5.38 3.78 -2.60
CA ARG A 138 6.55 3.34 -1.85
C ARG A 138 6.19 2.22 -0.86
N ASN A 139 4.90 2.02 -0.58
CA ASN A 139 4.50 1.02 0.40
C ASN A 139 3.58 -0.02 -0.23
N ILE A 140 3.68 -0.17 -1.55
CA ILE A 140 3.09 -1.29 -2.24
C ILE A 140 4.21 -2.15 -2.85
N LEU A 141 4.06 -3.46 -2.68
CA LEU A 141 5.08 -4.42 -3.09
C LEU A 141 4.60 -5.11 -4.36
N VAL A 142 5.53 -5.39 -5.26
CA VAL A 142 5.19 -6.09 -6.48
C VAL A 142 5.51 -7.57 -6.29
N ALA A 143 4.47 -8.40 -6.18
CA ALA A 143 4.66 -9.83 -6.05
C ALA A 143 5.01 -10.45 -7.41
N SER A 144 4.39 -9.91 -8.45
CA SER A 144 4.62 -10.34 -9.82
C SER A 144 4.06 -9.25 -10.73
N PRO A 145 4.32 -9.29 -12.05
CA PRO A 145 3.64 -8.35 -12.96
C PRO A 145 2.12 -8.40 -12.88
N GLU A 146 1.55 -9.52 -12.42
CA GLU A 146 0.11 -9.70 -12.32
C GLU A 146 -0.43 -9.33 -10.93
N CYS A 147 0.40 -8.97 -9.93
CA CYS A 147 -0.06 -8.94 -8.55
C CYS A 147 0.74 -7.96 -7.68
N VAL A 148 0.04 -6.93 -7.16
CA VAL A 148 0.64 -6.06 -6.15
C VAL A 148 0.02 -6.32 -4.76
N LYS A 149 0.75 -5.92 -3.70
CA LYS A 149 0.36 -6.15 -2.32
C LYS A 149 0.56 -4.89 -1.48
N LEU A 150 -0.51 -4.50 -0.80
CA LEU A 150 -0.47 -3.39 0.13
C LEU A 150 0.44 -3.75 1.30
N GLY A 151 1.34 -2.83 1.62
CA GLY A 151 2.30 -3.03 2.70
C GLY A 151 1.73 -2.77 4.09
N ASP A 152 2.66 -2.60 5.01
CA ASP A 152 2.42 -2.44 6.44
C ASP A 152 1.73 -1.12 6.74
N PHE A 153 0.99 -1.09 7.86
CA PHE A 153 0.23 0.06 8.31
C PHE A 153 1.17 1.26 8.56
N GLY A 154 0.64 2.47 8.37
CA GLY A 154 1.39 3.70 8.51
C GLY A 154 1.80 3.93 9.97
N LEU A 155 3.06 4.31 10.19
CA LEU A 155 3.63 4.60 11.50
C LEU A 155 2.71 5.52 12.31
N SER A 156 2.05 6.46 11.61
CA SER A 156 0.97 7.25 12.17
C SER A 156 -0.12 6.33 12.75
N LEU A 172 6.62 13.96 7.54
CA LEU A 172 5.16 13.69 7.54
C LEU A 172 4.62 13.79 6.11
N PRO A 173 3.85 12.79 5.60
CA PRO A 173 3.45 12.74 4.18
C PRO A 173 2.28 13.64 3.80
N ILE A 174 2.49 14.95 4.02
CA ILE A 174 1.53 16.00 3.78
C ILE A 174 0.95 15.88 2.38
N LYS A 175 1.78 15.55 1.38
CA LYS A 175 1.33 15.67 -0.01
C LYS A 175 0.40 14.50 -0.40
N TRP A 176 0.23 13.53 0.51
CA TRP A 176 -0.66 12.40 0.32
C TRP A 176 -1.92 12.46 1.22
N MET A 177 -2.00 13.45 2.10
CA MET A 177 -2.95 13.45 3.22
C MET A 177 -4.18 14.30 2.94
N SER A 178 -5.33 13.84 3.44
CA SER A 178 -6.57 14.57 3.29
C SER A 178 -6.47 15.89 4.04
N PRO A 179 -7.35 16.87 3.73
CA PRO A 179 -7.41 18.14 4.45
C PRO A 179 -7.63 17.97 5.97
N GLU A 180 -8.54 17.06 6.35
CA GLU A 180 -8.88 16.84 7.75
C GLU A 180 -7.69 16.22 8.49
N SER A 181 -6.86 15.45 7.78
CA SER A 181 -5.68 14.86 8.41
C SER A 181 -4.61 15.92 8.67
N ILE A 182 -4.46 16.84 7.71
CA ILE A 182 -3.48 17.91 7.81
C ILE A 182 -3.96 18.92 8.87
N ASN A 183 -5.23 19.34 8.79
CA ASN A 183 -5.78 20.36 9.67
C ASN A 183 -5.92 19.86 11.12
N PHE A 184 -6.36 18.60 11.34
CA PHE A 184 -6.88 18.15 12.63
C PHE A 184 -6.29 16.82 13.10
N ARG A 185 -5.32 16.25 12.36
CA ARG A 185 -4.81 14.91 12.63
C ARG A 185 -5.93 13.88 12.74
N ARG A 186 -6.97 14.02 11.92
CA ARG A 186 -8.08 13.08 11.84
C ARG A 186 -7.83 12.07 10.71
N PHE A 187 -7.86 10.79 11.06
CA PHE A 187 -7.70 9.70 10.12
C PHE A 187 -8.85 8.71 10.23
N THR A 188 -9.52 8.50 9.10
CA THR A 188 -10.67 7.61 9.00
C THR A 188 -10.58 6.87 7.68
N THR A 189 -11.51 5.96 7.44
CA THR A 189 -11.55 5.26 6.17
C THR A 189 -11.69 6.26 5.01
N ALA A 190 -12.38 7.39 5.24
CA ALA A 190 -12.52 8.41 4.20
C ALA A 190 -11.20 9.14 3.91
N SER A 191 -10.32 9.30 4.91
CA SER A 191 -9.02 9.86 4.62
C SER A 191 -8.13 8.87 3.89
N ASP A 192 -8.32 7.57 4.17
CA ASP A 192 -7.71 6.52 3.37
C ASP A 192 -8.20 6.59 1.91
N VAL A 193 -9.50 6.89 1.69
CA VAL A 193 -10.00 7.04 0.34
C VAL A 193 -9.27 8.16 -0.39
N TRP A 194 -9.04 9.28 0.30
CA TRP A 194 -8.32 10.41 -0.26
C TRP A 194 -6.93 9.94 -0.68
N MET A 195 -6.25 9.26 0.25
CA MET A 195 -4.87 8.86 0.03
C MET A 195 -4.79 7.81 -1.08
N PHE A 196 -5.77 6.90 -1.15
CA PHE A 196 -5.81 5.89 -2.19
C PHE A 196 -5.87 6.55 -3.57
N ALA A 197 -6.66 7.61 -3.72
CA ALA A 197 -6.72 8.34 -4.96
C ALA A 197 -5.38 9.00 -5.30
N VAL A 198 -4.66 9.50 -4.29
CA VAL A 198 -3.32 10.01 -4.54
C VAL A 198 -2.41 8.87 -5.04
N CYS A 199 -2.49 7.69 -4.41
CA CYS A 199 -1.78 6.50 -4.88
C CYS A 199 -2.10 6.20 -6.35
N MET A 200 -3.37 6.31 -6.74
CA MET A 200 -3.76 6.03 -8.11
C MET A 200 -3.10 7.04 -9.05
N TRP A 201 -3.06 8.31 -8.62
CA TRP A 201 -2.37 9.36 -9.34
C TRP A 201 -0.89 9.01 -9.54
N GLU A 202 -0.20 8.57 -8.47
CA GLU A 202 1.17 8.09 -8.56
C GLU A 202 1.33 6.96 -9.58
N ILE A 203 0.44 5.96 -9.52
CA ILE A 203 0.49 4.81 -10.41
C ILE A 203 0.32 5.27 -11.85
N LEU A 204 -0.69 6.09 -12.13
CA LEU A 204 -0.94 6.53 -13.48
C LEU A 204 0.15 7.49 -13.99
N SER A 205 0.95 8.02 -13.08
CA SER A 205 2.06 8.93 -13.36
C SER A 205 3.39 8.17 -13.39
N PHE A 206 3.35 6.83 -13.30
CA PHE A 206 4.57 6.01 -13.26
C PHE A 206 5.50 6.36 -12.09
N GLY A 207 4.90 6.75 -10.96
CA GLY A 207 5.60 6.90 -9.70
C GLY A 207 6.09 8.32 -9.42
N LYS A 208 5.60 9.32 -10.15
CA LYS A 208 5.88 10.70 -9.81
C LYS A 208 5.32 11.01 -8.42
N GLN A 209 5.96 11.94 -7.74
CA GLN A 209 5.57 12.38 -6.41
C GLN A 209 4.45 13.39 -6.52
N PRO A 210 3.36 13.24 -5.74
CA PRO A 210 2.27 14.21 -5.80
C PRO A 210 2.77 15.58 -5.35
N PHE A 211 2.29 16.63 -6.01
CA PHE A 211 2.63 18.01 -5.68
C PHE A 211 4.15 18.22 -5.54
N PHE A 212 4.93 17.60 -6.42
CA PHE A 212 6.37 17.80 -6.43
C PHE A 212 6.75 19.27 -6.69
N TRP A 213 5.81 20.07 -7.19
CA TRP A 213 6.04 21.47 -7.52
C TRP A 213 5.72 22.40 -6.33
N LEU A 214 5.20 21.87 -5.23
CA LEU A 214 4.84 22.67 -4.06
C LEU A 214 5.75 22.31 -2.90
N GLU A 215 5.72 23.15 -1.86
CA GLU A 215 6.22 22.76 -0.56
C GLU A 215 5.03 22.40 0.33
N ASN A 216 5.33 21.65 1.39
CA ASN A 216 4.33 21.09 2.29
C ASN A 216 3.38 22.15 2.81
N LYS A 217 3.92 23.33 3.16
CA LYS A 217 3.14 24.40 3.79
C LYS A 217 2.07 24.95 2.84
N ASP A 218 2.32 24.78 1.53
CA ASP A 218 1.49 25.38 0.49
C ASP A 218 0.27 24.51 0.22
N VAL A 219 0.34 23.21 0.57
CA VAL A 219 -0.63 22.25 0.10
C VAL A 219 -2.05 22.57 0.57
N ILE A 220 -2.24 22.74 1.88
CA ILE A 220 -3.60 22.85 2.40
C ILE A 220 -4.32 24.06 1.78
N GLY A 221 -3.59 25.16 1.59
CA GLY A 221 -4.13 26.36 0.96
C GLY A 221 -4.65 26.07 -0.44
N VAL A 222 -3.84 25.36 -1.23
CA VAL A 222 -4.22 24.95 -2.56
C VAL A 222 -5.44 24.05 -2.51
N LEU A 223 -5.39 23.07 -1.59
CA LEU A 223 -6.52 22.17 -1.39
C LEU A 223 -7.75 22.97 -0.96
N GLU A 224 -7.57 23.92 -0.05
CA GLU A 224 -8.69 24.76 0.40
C GLU A 224 -9.33 25.55 -0.75
N LYS A 225 -8.55 25.89 -1.79
CA LYS A 225 -9.07 26.61 -2.93
C LYS A 225 -9.88 25.71 -3.86
N GLY A 226 -9.69 24.38 -3.78
CA GLY A 226 -10.34 23.48 -4.72
C GLY A 226 -9.37 23.02 -5.81
N ASP A 227 -8.11 23.42 -5.69
CA ASP A 227 -7.10 22.94 -6.62
C ASP A 227 -6.67 21.52 -6.21
N ARG A 228 -6.40 20.69 -7.22
CA ARG A 228 -6.09 19.28 -7.04
C ARG A 228 -4.99 18.87 -8.01
N LEU A 229 -4.46 17.66 -7.81
CA LEU A 229 -3.51 17.10 -8.73
C LEU A 229 -4.10 17.09 -10.14
N PRO A 230 -3.31 17.41 -11.18
CA PRO A 230 -3.80 17.40 -12.56
C PRO A 230 -3.89 15.96 -13.08
N LYS A 231 -4.69 15.79 -14.13
CA LYS A 231 -4.87 14.48 -14.72
C LYS A 231 -3.54 14.01 -15.29
N PRO A 232 -3.03 12.82 -14.91
CA PRO A 232 -1.86 12.28 -15.60
C PRO A 232 -2.19 12.05 -17.07
N ASP A 233 -1.19 12.26 -17.92
CA ASP A 233 -1.29 12.10 -19.35
C ASP A 233 -2.00 10.80 -19.74
N LEU A 234 -1.67 9.65 -19.14
CA LEU A 234 -2.22 8.39 -19.62
C LEU A 234 -3.48 7.97 -18.85
N CYS A 235 -3.93 8.83 -17.93
CA CYS A 235 -5.10 8.53 -17.11
C CYS A 235 -6.37 8.70 -17.96
N PRO A 236 -7.24 7.68 -18.07
CA PRO A 236 -8.51 7.83 -18.75
C PRO A 236 -9.35 8.89 -18.03
N PRO A 237 -10.04 9.78 -18.77
CA PRO A 237 -10.90 10.78 -18.12
C PRO A 237 -11.84 10.22 -17.06
N VAL A 238 -12.42 9.04 -17.30
CA VAL A 238 -13.37 8.43 -16.39
CA VAL A 238 -13.40 8.52 -16.36
C VAL A 238 -12.69 8.16 -15.04
N LEU A 239 -11.42 7.74 -15.10
CA LEU A 239 -10.70 7.45 -13.88
C LEU A 239 -10.33 8.74 -13.15
N TYR A 240 -9.96 9.79 -13.89
CA TYR A 240 -9.69 11.07 -13.25
C TYR A 240 -10.91 11.60 -12.48
N THR A 241 -12.11 11.45 -13.07
CA THR A 241 -13.32 11.90 -12.40
C THR A 241 -13.47 11.17 -11.07
N LEU A 242 -13.15 9.88 -11.08
CA LEU A 242 -13.27 9.08 -9.87
C LEU A 242 -12.27 9.59 -8.84
N MET A 243 -11.04 9.91 -9.25
CA MET A 243 -10.04 10.47 -8.35
C MET A 243 -10.58 11.77 -7.74
N THR A 244 -11.18 12.64 -8.54
CA THR A 244 -11.63 13.92 -8.01
C THR A 244 -12.78 13.71 -7.02
N ARG A 245 -13.59 12.64 -7.16
CA ARG A 245 -14.62 12.34 -6.16
C ARG A 245 -13.97 11.98 -4.83
N CYS A 246 -12.86 11.23 -4.88
CA CYS A 246 -12.12 10.85 -3.69
C CYS A 246 -11.48 12.05 -3.01
N TRP A 247 -11.28 13.15 -3.76
CA TRP A 247 -10.66 14.34 -3.19
C TRP A 247 -11.71 15.41 -2.86
N ASP A 248 -12.98 15.02 -2.67
CA ASP A 248 -14.00 15.91 -2.11
C ASP A 248 -13.49 16.43 -0.77
N TYR A 249 -13.62 17.73 -0.51
CA TYR A 249 -13.09 18.32 0.71
C TYR A 249 -13.78 17.70 1.93
N ASP A 250 -15.06 17.41 1.78
CA ASP A 250 -15.90 16.87 2.83
C ASP A 250 -15.77 15.34 2.85
N PRO A 251 -15.25 14.73 3.93
CA PRO A 251 -15.04 13.28 3.96
C PRO A 251 -16.30 12.48 3.67
N SER A 252 -17.45 13.03 4.11
CA SER A 252 -18.74 12.35 3.96
C SER A 252 -19.17 12.21 2.51
N ASP A 253 -18.66 13.06 1.63
CA ASP A 253 -19.07 13.04 0.23
C ASP A 253 -18.21 12.09 -0.59
N ARG A 254 -17.14 11.57 0.00
CA ARG A 254 -16.25 10.70 -0.76
C ARG A 254 -16.85 9.31 -0.93
N PRO A 255 -16.58 8.62 -2.06
CA PRO A 255 -17.03 7.26 -2.23
C PRO A 255 -16.38 6.42 -1.14
N ARG A 256 -17.03 5.31 -0.83
CA ARG A 256 -16.48 4.26 0.01
C ARG A 256 -15.67 3.32 -0.88
N PHE A 257 -14.73 2.59 -0.30
CA PHE A 257 -13.92 1.63 -1.06
C PHE A 257 -14.78 0.55 -1.72
N THR A 258 -15.90 0.15 -1.09
CA THR A 258 -16.75 -0.88 -1.71
C THR A 258 -17.34 -0.41 -3.03
N GLU A 259 -17.68 0.90 -3.10
CA GLU A 259 -18.16 1.55 -4.31
C GLU A 259 -17.04 1.65 -5.36
N LEU A 260 -15.86 2.05 -4.92
CA LEU A 260 -14.72 2.19 -5.82
C LEU A 260 -14.34 0.87 -6.46
N VAL A 261 -14.47 -0.27 -5.76
CA VAL A 261 -14.15 -1.55 -6.37
C VAL A 261 -15.00 -1.73 -7.61
N CYS A 262 -16.30 -1.40 -7.52
CA CYS A 262 -17.22 -1.58 -8.63
C CYS A 262 -16.87 -0.63 -9.77
N SER A 263 -16.59 0.62 -9.42
CA SER A 263 -16.22 1.62 -10.40
C SER A 263 -14.91 1.26 -11.10
N LEU A 264 -13.92 0.86 -10.30
CA LEU A 264 -12.64 0.53 -10.92
C LEU A 264 -12.73 -0.75 -11.75
N SER A 265 -13.57 -1.71 -11.34
CA SER A 265 -13.78 -2.92 -12.12
C SER A 265 -14.28 -2.57 -13.52
N ASP A 266 -15.14 -1.56 -13.59
CA ASP A 266 -15.73 -1.09 -14.87
C ASP A 266 -14.68 -0.38 -15.72
N VAL A 267 -13.85 0.46 -15.09
CA VAL A 267 -12.77 1.12 -15.79
C VAL A 267 -11.81 0.07 -16.31
N TYR A 268 -11.47 -0.90 -15.47
CA TYR A 268 -10.57 -1.95 -15.89
C TYR A 268 -11.13 -2.67 -17.13
N GLN A 269 -12.42 -3.01 -17.11
CA GLN A 269 -13.04 -3.71 -18.23
CA GLN A 269 -13.02 -3.72 -18.23
C GLN A 269 -12.97 -2.85 -19.49
N MET A 270 -13.20 -1.55 -19.33
CA MET A 270 -13.19 -0.68 -20.49
CA MET A 270 -13.18 -0.65 -20.48
C MET A 270 -11.79 -0.62 -21.08
N GLU A 271 -10.76 -0.52 -20.22
CA GLU A 271 -9.41 -0.38 -20.74
C GLU A 271 -8.99 -1.69 -21.42
N LYS A 272 -9.42 -2.82 -20.86
CA LYS A 272 -9.13 -4.12 -21.46
C LYS A 272 -9.85 -4.22 -22.83
N ASP A 273 -11.08 -3.77 -22.90
CA ASP A 273 -11.83 -3.85 -24.15
C ASP A 273 -11.22 -2.95 -25.22
N ILE A 274 -10.79 -1.74 -24.87
CA ILE A 274 -10.08 -0.87 -25.80
C ILE A 274 -8.75 -1.45 -26.26
N ALA A 275 -8.00 -2.12 -25.37
CA ALA A 275 -6.74 -2.75 -25.74
C ALA A 275 -6.94 -4.07 -26.52
N MET A 276 -8.18 -4.52 -26.64
CA MET A 276 -8.54 -5.81 -27.24
C MET A 276 -7.80 -6.96 -26.53
N GLU A 277 -7.94 -7.00 -25.22
CA GLU A 277 -7.43 -8.12 -24.44
C GLU A 277 -8.56 -8.69 -23.59
C35 YAM B . 13.28 -2.70 2.14
C34 YAM B . 13.01 -0.05 4.25
N2 YAM B . 8.84 -8.03 0.39
C7 YAM B . 7.97 -8.13 1.42
C6 YAM B . 7.99 -7.25 2.49
C13 YAM B . 9.91 -3.14 2.79
C20 YAM B . 10.90 -2.18 2.52
C21 YAM B . 13.23 -4.01 -1.95
C8 YAM B . 6.98 -7.37 3.59
C18 YAM B . 8.39 -1.76 1.54
C16 YAM B . 11.35 -4.53 -0.58
C19 YAM B . 9.42 -0.89 1.33
O33 YAM B . 13.71 -2.43 4.97
S31 YAM B . 12.57 -1.74 4.51
O32 YAM B . 11.37 -1.71 5.29
N30 YAM B . 12.20 -2.28 3.00
C17 YAM B . 8.63 -2.90 2.28
N1 YAM B . 10.65 -1.09 1.79
C12 YAM B . 10.16 -4.36 3.62
N10 YAM B . 9.08 -5.35 3.51
C5 YAM B . 8.94 -6.23 2.47
F29 YAM B . 6.14 -8.37 3.36
F28 YAM B . 7.49 -7.54 4.78
F27 YAM B . 6.22 -6.27 3.69
N4 YAM B . 9.82 -6.13 1.48
C3 YAM B . 9.72 -7.00 0.46
N9 YAM B . 10.54 -6.88 -0.57
C11 YAM B . 11.42 -5.86 -1.01
C14 YAM B . 12.38 -6.24 -1.95
C22 YAM B . 13.26 -5.31 -2.41
C23 YAM B . 14.38 -5.47 -3.39
C15 YAM B . 12.26 -3.59 -1.06
N25 YAM B . 14.26 -3.29 -2.57
C24 YAM B . 14.95 -4.06 -3.44
O26 YAM B . 15.84 -3.66 -4.19
C1 EDO C . -2.38 21.71 -9.72
O1 EDO C . -2.49 21.93 -11.13
C2 EDO C . -2.13 22.97 -8.97
O2 EDO C . -1.42 22.75 -7.77
C1 EDO D . -14.33 21.19 -2.71
O1 EDO D . -14.64 19.80 -2.43
C2 EDO D . -12.87 21.55 -2.96
O2 EDO D . -12.01 21.91 -1.82
C1 EDO E . -4.92 -15.96 13.11
O1 EDO E . -5.03 -16.48 14.44
C2 EDO E . -4.43 -16.95 12.09
O2 EDO E . -5.24 -17.05 10.92
#